data_5VWK
#
_entry.id   5VWK
#
_cell.length_a   74.760
_cell.length_b   74.760
_cell.length_c   222.963
_cell.angle_alpha   90.00
_cell.angle_beta   90.00
_cell.angle_gamma   90.00
#
_symmetry.space_group_name_H-M   'P 43 21 2'
#
loop_
_entity.id
_entity.type
_entity.pdbx_description
1 polymer 'Protein scribble homolog'
2 polymer Beta-PIX
3 non-polymer 'SULFATE ION'
4 water water
#
loop_
_entity_poly.entity_id
_entity_poly.type
_entity_poly.pdbx_seq_one_letter_code
_entity_poly.pdbx_strand_id
1 'polypeptide(L)'
;GPLGSSAPSVKGVSFDQANNLLIEPARIEEEELTLTILRQTGGLGISIAGGKGSTPYKGDDEGIFISRVSEEGPAARAGV
RVGDKLLEVNGVALQGAEHHEAVEALRGAGTAVQMRVWRERM
;
A,B,C,D
2 'polypeptide(L)' PAWDETNL E,F,G,H
#
loop_
_chem_comp.id
_chem_comp.type
_chem_comp.name
_chem_comp.formula
SO4 non-polymer 'SULFATE ION' 'O4 S -2'
#
# COMPACT_ATOMS: atom_id res chain seq x y z
N ASN A 20 -47.79 -16.97 -1.19
CA ASN A 20 -47.28 -15.68 -1.65
C ASN A 20 -45.80 -15.78 -2.01
N LEU A 21 -45.42 -15.13 -3.11
CA LEU A 21 -44.02 -15.07 -3.54
C LEU A 21 -43.55 -13.62 -3.48
N LEU A 22 -42.25 -13.45 -3.24
CA LEU A 22 -41.70 -12.12 -2.98
C LEU A 22 -41.40 -11.39 -4.29
N ILE A 23 -41.69 -10.09 -4.30
CA ILE A 23 -41.34 -9.20 -5.40
C ILE A 23 -40.04 -8.50 -5.06
N GLU A 24 -39.22 -8.27 -6.07
CA GLU A 24 -37.98 -7.54 -5.86
C GLU A 24 -38.29 -6.13 -5.38
N PRO A 25 -37.61 -5.64 -4.35
CA PRO A 25 -37.82 -4.26 -3.92
C PRO A 25 -37.15 -3.28 -4.87
N ALA A 26 -37.59 -2.03 -4.77
CA ALA A 26 -36.93 -0.95 -5.48
C ALA A 26 -35.42 -1.04 -5.27
N ARG A 27 -34.67 -0.63 -6.29
CA ARG A 27 -33.25 -0.94 -6.33
C ARG A 27 -32.54 0.12 -7.18
N ILE A 28 -31.57 0.80 -6.57
CA ILE A 28 -30.76 1.79 -7.28
C ILE A 28 -29.65 1.06 -8.02
N GLU A 29 -29.50 1.38 -9.30
CA GLU A 29 -28.41 0.85 -10.13
C GLU A 29 -27.26 1.84 -10.30
N GLU A 30 -27.57 3.13 -10.38
CA GLU A 30 -26.58 4.17 -10.59
C GLU A 30 -27.09 5.44 -9.92
N GLU A 31 -26.16 6.35 -9.60
CA GLU A 31 -26.50 7.47 -8.75
C GLU A 31 -25.40 8.53 -8.86
N GLU A 32 -25.81 9.76 -9.16
CA GLU A 32 -24.95 10.92 -9.02
C GLU A 32 -25.39 11.68 -7.77
N LEU A 33 -24.44 11.97 -6.88
CA LEU A 33 -24.74 12.64 -5.62
C LEU A 33 -23.87 13.88 -5.46
N THR A 34 -24.34 14.78 -4.61
CA THR A 34 -23.56 15.91 -4.13
C THR A 34 -23.45 15.76 -2.62
N LEU A 35 -22.22 15.61 -2.13
CA LEU A 35 -21.96 15.40 -0.72
C LEU A 35 -21.06 16.52 -0.20
N THR A 36 -21.21 16.83 1.09
CA THR A 36 -20.48 17.92 1.70
C THR A 36 -19.77 17.37 2.94
N ILE A 37 -18.43 17.35 2.89
CA ILE A 37 -17.62 16.88 4.01
C ILE A 37 -17.18 18.08 4.84
N LEU A 38 -17.27 17.95 6.16
CA LEU A 38 -16.78 18.97 7.09
C LEU A 38 -15.44 18.49 7.63
N ARG A 39 -14.36 19.17 7.23
CA ARG A 39 -13.02 18.75 7.61
C ARG A 39 -12.83 18.83 9.12
N GLN A 40 -12.06 17.89 9.65
CA GLN A 40 -11.61 17.88 11.03
C GLN A 40 -10.08 17.90 11.04
N THR A 41 -9.52 18.00 12.25
CA THR A 41 -8.07 18.15 12.38
C THR A 41 -7.34 16.99 11.71
N GLY A 42 -7.89 15.79 11.77
CA GLY A 42 -7.26 14.66 11.13
C GLY A 42 -7.40 14.60 9.62
N GLY A 43 -8.19 15.50 9.03
CA GLY A 43 -8.40 15.51 7.59
C GLY A 43 -9.83 15.18 7.19
N LEU A 44 -10.00 14.63 5.99
CA LEU A 44 -11.32 14.34 5.43
C LEU A 44 -11.77 12.90 5.66
N GLY A 45 -10.89 12.02 6.13
CA GLY A 45 -11.27 10.64 6.33
C GLY A 45 -11.49 9.85 5.06
N ILE A 46 -10.74 10.16 3.99
CA ILE A 46 -10.83 9.44 2.74
C ILE A 46 -9.43 9.19 2.19
N SER A 47 -9.33 8.18 1.33
CA SER A 47 -8.20 8.02 0.44
C SER A 47 -8.72 8.00 -0.99
N ILE A 48 -7.92 8.53 -1.91
CA ILE A 48 -8.31 8.57 -3.31
C ILE A 48 -7.27 7.82 -4.12
N ALA A 49 -7.73 7.23 -5.22
CA ALA A 49 -6.87 6.45 -6.10
C ALA A 49 -7.15 6.83 -7.55
N GLY A 50 -6.22 6.49 -8.42
CA GLY A 50 -6.40 6.69 -9.85
C GLY A 50 -5.87 8.02 -10.35
N GLY A 51 -6.14 8.27 -11.62
CA GLY A 51 -5.77 9.53 -12.25
C GLY A 51 -5.02 9.33 -13.55
N LYS A 52 -5.10 10.32 -14.43
CA LYS A 52 -4.41 10.26 -15.71
C LYS A 52 -2.92 10.08 -15.48
N GLY A 53 -2.32 9.14 -16.24
CA GLY A 53 -0.90 8.88 -16.16
C GLY A 53 -0.49 7.78 -15.21
N SER A 54 -1.33 7.43 -14.24
CA SER A 54 -1.07 6.37 -13.27
C SER A 54 -1.97 5.18 -13.55
N THR A 55 -1.83 4.14 -12.74
CA THR A 55 -2.55 2.88 -12.96
C THR A 55 -4.02 3.05 -12.60
N PRO A 56 -4.95 2.67 -13.48
CA PRO A 56 -6.37 2.82 -13.16
C PRO A 56 -6.76 2.12 -11.87
N TYR A 57 -7.65 2.77 -11.12
CA TYR A 57 -8.24 2.13 -9.94
C TYR A 57 -9.16 0.98 -10.33
N LYS A 58 -9.76 1.05 -11.51
CA LYS A 58 -10.88 0.18 -11.85
C LYS A 58 -10.90 0.04 -13.36
N GLY A 59 -10.65 -1.17 -13.84
CA GLY A 59 -10.66 -1.41 -15.28
C GLY A 59 -9.72 -0.44 -15.98
N ASP A 60 -10.21 0.17 -17.06
CA ASP A 60 -9.44 1.15 -17.81
C ASP A 60 -9.87 2.58 -17.52
N ASP A 61 -10.69 2.78 -16.49
CA ASP A 61 -11.13 4.12 -16.12
C ASP A 61 -10.02 4.85 -15.39
N GLU A 62 -9.57 5.98 -15.93
CA GLU A 62 -8.49 6.74 -15.35
C GLU A 62 -8.97 7.83 -14.39
N GLY A 63 -10.25 7.84 -14.05
CA GLY A 63 -10.79 8.85 -13.16
C GLY A 63 -10.29 8.68 -11.75
N ILE A 64 -10.75 9.58 -10.88
CA ILE A 64 -10.37 9.61 -9.48
C ILE A 64 -11.45 8.90 -8.68
N PHE A 65 -11.03 8.00 -7.80
CA PHE A 65 -11.95 7.15 -7.05
C PHE A 65 -11.65 7.22 -5.56
N ILE A 66 -12.72 7.07 -4.77
CA ILE A 66 -12.55 6.87 -3.33
C ILE A 66 -12.11 5.43 -3.09
N SER A 67 -10.94 5.27 -2.50
CA SER A 67 -10.40 3.94 -2.20
C SER A 67 -10.61 3.53 -0.75
N ARG A 68 -10.96 4.47 0.13
CA ARG A 68 -11.05 4.18 1.55
C ARG A 68 -11.90 5.25 2.23
N VAL A 69 -12.68 4.84 3.23
CA VAL A 69 -13.45 5.77 4.05
C VAL A 69 -13.22 5.40 5.50
N SER A 70 -12.76 6.35 6.31
CA SER A 70 -12.57 6.11 7.73
C SER A 70 -13.92 5.87 8.39
N GLU A 71 -13.99 4.79 9.18
CA GLU A 71 -15.27 4.24 9.59
C GLU A 71 -16.18 5.30 10.19
N GLU A 72 -15.69 6.05 11.16
CA GLU A 72 -16.47 7.09 11.83
C GLU A 72 -15.96 8.49 11.49
N GLY A 73 -15.42 8.66 10.29
CA GLY A 73 -14.77 9.90 9.92
C GLY A 73 -15.71 10.89 9.27
N PRO A 74 -15.16 12.06 8.90
CA PRO A 74 -16.01 13.12 8.33
C PRO A 74 -16.72 12.71 7.05
N ALA A 75 -16.04 11.96 6.18
CA ALA A 75 -16.64 11.57 4.91
C ALA A 75 -17.72 10.51 5.12
N ALA A 76 -17.48 9.55 6.02
CA ALA A 76 -18.50 8.58 6.37
C ALA A 76 -19.77 9.30 6.84
N ARG A 77 -19.62 10.29 7.71
CA ARG A 77 -20.77 11.07 8.15
C ARG A 77 -21.48 11.70 6.97
N ALA A 78 -20.73 12.24 6.01
CA ALA A 78 -21.34 12.90 4.86
C ALA A 78 -21.85 11.92 3.81
N GLY A 79 -21.72 10.62 4.03
CA GLY A 79 -22.28 9.63 3.12
C GLY A 79 -21.39 9.16 2.00
N VAL A 80 -20.08 9.48 2.04
CA VAL A 80 -19.17 9.01 1.00
C VAL A 80 -18.95 7.51 1.16
N ARG A 81 -18.74 6.83 0.03
CA ARG A 81 -18.56 5.39 0.04
C ARG A 81 -17.39 4.98 -0.85
N VAL A 82 -16.75 3.88 -0.46
CA VAL A 82 -15.70 3.29 -1.29
C VAL A 82 -16.23 3.01 -2.68
N GLY A 83 -15.41 3.31 -3.68
CA GLY A 83 -15.81 3.15 -5.07
C GLY A 83 -16.42 4.37 -5.71
N ASP A 84 -16.85 5.35 -4.92
CA ASP A 84 -17.39 6.58 -5.49
C ASP A 84 -16.38 7.22 -6.42
N LYS A 85 -16.83 7.59 -7.60
CA LYS A 85 -16.00 8.30 -8.58
C LYS A 85 -16.15 9.79 -8.37
N LEU A 86 -15.03 10.49 -8.21
CA LEU A 86 -15.01 11.92 -7.91
C LEU A 86 -15.07 12.73 -9.19
N LEU A 87 -16.12 13.50 -9.36
CA LEU A 87 -16.34 14.30 -10.57
C LEU A 87 -15.97 15.76 -10.40
N GLU A 88 -16.14 16.33 -9.21
CA GLU A 88 -15.96 17.78 -9.06
C GLU A 88 -15.87 18.12 -7.58
N VAL A 89 -15.01 19.10 -7.26
CA VAL A 89 -14.76 19.51 -5.89
C VAL A 89 -14.80 21.03 -5.82
N ASN A 90 -15.78 21.58 -5.09
CA ASN A 90 -15.92 23.02 -4.88
C ASN A 90 -15.74 23.78 -6.19
N GLY A 91 -16.38 23.29 -7.25
CA GLY A 91 -16.35 23.93 -8.54
C GLY A 91 -15.21 23.53 -9.45
N VAL A 92 -14.31 22.67 -9.00
CA VAL A 92 -13.19 22.22 -9.80
C VAL A 92 -13.55 20.88 -10.43
N ALA A 93 -13.56 20.82 -11.75
CA ALA A 93 -13.82 19.59 -12.48
C ALA A 93 -12.58 18.71 -12.47
N LEU A 94 -12.78 17.42 -12.20
CA LEU A 94 -11.68 16.47 -12.10
C LEU A 94 -11.53 15.60 -13.35
N GLN A 95 -12.34 15.85 -14.39
CA GLN A 95 -12.19 15.13 -15.65
C GLN A 95 -10.78 15.33 -16.20
N GLY A 96 -10.10 14.21 -16.47
CA GLY A 96 -8.75 14.28 -17.00
C GLY A 96 -7.70 14.72 -16.02
N ALA A 97 -8.04 14.78 -14.73
CA ALA A 97 -7.08 15.22 -13.72
C ALA A 97 -6.05 14.15 -13.45
N GLU A 98 -4.82 14.58 -13.20
CA GLU A 98 -3.79 13.67 -12.73
C GLU A 98 -3.97 13.43 -11.24
N HIS A 99 -3.45 12.29 -10.79
CA HIS A 99 -3.59 11.92 -9.38
C HIS A 99 -3.15 13.05 -8.46
N HIS A 100 -1.97 13.62 -8.72
CA HIS A 100 -1.45 14.66 -7.84
C HIS A 100 -2.27 15.94 -7.94
N GLU A 101 -2.91 16.18 -9.09
CA GLU A 101 -3.76 17.35 -9.22
C GLU A 101 -5.01 17.22 -8.35
N ALA A 102 -5.63 16.04 -8.33
CA ALA A 102 -6.79 15.83 -7.47
C ALA A 102 -6.39 15.91 -6.00
N VAL A 103 -5.23 15.36 -5.65
CA VAL A 103 -4.75 15.46 -4.26
C VAL A 103 -4.62 16.93 -3.86
N GLU A 104 -4.02 17.74 -4.72
CA GLU A 104 -3.79 19.15 -4.39
C GLU A 104 -5.09 19.92 -4.29
N ALA A 105 -6.04 19.64 -5.20
CA ALA A 105 -7.34 20.29 -5.11
C ALA A 105 -8.01 19.95 -3.78
N LEU A 106 -7.82 18.72 -3.30
CA LEU A 106 -8.53 18.28 -2.09
C LEU A 106 -7.83 18.76 -0.83
N ARG A 107 -6.49 18.71 -0.79
CA ARG A 107 -5.79 19.20 0.39
C ARG A 107 -6.02 20.69 0.59
N GLY A 108 -6.22 21.43 -0.51
CA GLY A 108 -6.47 22.86 -0.42
C GLY A 108 -7.93 23.24 -0.61
N ALA A 109 -8.85 22.32 -0.32
CA ALA A 109 -10.27 22.60 -0.50
C ALA A 109 -10.89 23.35 0.67
N GLY A 110 -10.23 23.41 1.82
CA GLY A 110 -10.73 24.19 2.93
C GLY A 110 -11.61 23.41 3.88
N THR A 111 -12.40 24.16 4.65
CA THR A 111 -13.17 23.58 5.73
C THR A 111 -14.30 22.69 5.21
N ALA A 112 -15.04 23.17 4.21
CA ALA A 112 -16.16 22.42 3.66
C ALA A 112 -15.80 21.93 2.26
N VAL A 113 -15.86 20.61 2.07
CA VAL A 113 -15.47 19.98 0.81
C VAL A 113 -16.73 19.37 0.22
N GLN A 114 -17.35 20.07 -0.72
CA GLN A 114 -18.54 19.61 -1.41
C GLN A 114 -18.12 18.97 -2.72
N MET A 115 -18.54 17.73 -2.94
CA MET A 115 -18.10 17.00 -4.11
C MET A 115 -19.27 16.34 -4.82
N ARG A 116 -19.15 16.25 -6.14
CA ARG A 116 -20.10 15.57 -6.99
C ARG A 116 -19.50 14.22 -7.38
N VAL A 117 -20.20 13.12 -7.07
CA VAL A 117 -19.66 11.80 -7.29
C VAL A 117 -20.63 10.95 -8.13
N TRP A 118 -20.05 9.96 -8.80
CA TRP A 118 -20.79 8.93 -9.51
C TRP A 118 -20.65 7.60 -8.76
N ARG A 119 -21.78 6.93 -8.54
CA ARG A 119 -21.83 5.74 -7.71
C ARG A 119 -22.59 4.64 -8.44
N GLU A 120 -21.94 3.50 -8.62
CA GLU A 120 -22.54 2.32 -9.20
C GLU A 120 -22.76 1.24 -8.14
N ARG A 121 -23.64 0.30 -8.46
CA ARG A 121 -23.96 -0.79 -7.55
C ARG A 121 -22.84 -1.84 -7.58
N ASN B 20 -41.62 -4.06 -33.06
CA ASN B 20 -40.22 -4.05 -33.47
C ASN B 20 -39.35 -3.29 -32.48
N LEU B 21 -39.15 -3.88 -31.29
CA LEU B 21 -38.31 -3.31 -30.25
C LEU B 21 -37.15 -4.25 -29.96
N LEU B 22 -36.13 -3.72 -29.29
CA LEU B 22 -34.94 -4.49 -28.98
C LEU B 22 -35.16 -5.35 -27.73
N ILE B 23 -34.70 -6.59 -27.80
CA ILE B 23 -34.70 -7.51 -26.67
C ILE B 23 -33.30 -7.57 -26.09
N GLU B 24 -33.19 -7.41 -24.77
CA GLU B 24 -31.90 -7.51 -24.12
C GLU B 24 -31.29 -8.88 -24.42
N PRO B 25 -30.05 -8.94 -24.90
CA PRO B 25 -29.42 -10.25 -25.12
C PRO B 25 -29.03 -10.91 -23.80
N ALA B 26 -28.86 -12.22 -23.86
CA ALA B 26 -28.45 -12.97 -22.68
C ALA B 26 -27.23 -12.33 -22.06
N ARG B 27 -27.24 -12.24 -20.73
CA ARG B 27 -26.21 -11.53 -19.97
C ARG B 27 -25.79 -12.39 -18.78
N ILE B 28 -24.49 -12.63 -18.65
CA ILE B 28 -23.95 -13.38 -17.53
C ILE B 28 -23.77 -12.44 -16.33
N GLU B 29 -24.43 -12.78 -15.22
CA GLU B 29 -24.35 -11.98 -14.00
C GLU B 29 -23.26 -12.47 -13.05
N GLU B 30 -23.08 -13.78 -12.94
CA GLU B 30 -22.16 -14.37 -11.98
C GLU B 30 -21.55 -15.62 -12.59
N GLU B 31 -20.35 -15.96 -12.13
CA GLU B 31 -19.60 -17.07 -12.68
C GLU B 31 -18.80 -17.73 -11.57
N GLU B 32 -18.63 -19.04 -11.70
CA GLU B 32 -17.66 -19.80 -10.91
C GLU B 32 -16.75 -20.49 -11.91
N LEU B 33 -15.45 -20.19 -11.85
CA LEU B 33 -14.49 -20.71 -12.78
C LEU B 33 -13.45 -21.56 -12.05
N THR B 34 -12.79 -22.43 -12.82
CA THR B 34 -11.59 -23.11 -12.41
C THR B 34 -10.47 -22.65 -13.33
N LEU B 35 -9.45 -22.03 -12.75
CA LEU B 35 -8.33 -21.47 -13.51
C LEU B 35 -7.02 -22.07 -12.99
N THR B 36 -6.12 -22.37 -13.92
CA THR B 36 -4.85 -23.02 -13.61
C THR B 36 -3.73 -22.07 -14.00
N ILE B 37 -3.01 -21.57 -13.01
CA ILE B 37 -1.87 -20.68 -13.22
C ILE B 37 -0.59 -21.51 -13.24
N LEU B 38 0.29 -21.20 -14.18
CA LEU B 38 1.59 -21.87 -14.29
C LEU B 38 2.67 -20.94 -13.74
N ARG B 39 3.17 -21.26 -12.54
CA ARG B 39 4.12 -20.38 -11.87
C ARG B 39 5.36 -20.15 -12.73
N GLN B 40 5.88 -18.94 -12.67
CA GLN B 40 7.15 -18.56 -13.25
C GLN B 40 8.08 -18.06 -12.15
N THR B 41 9.31 -17.72 -12.55
CA THR B 41 10.33 -17.35 -11.56
C THR B 41 9.87 -16.15 -10.73
N GLY B 42 9.26 -15.16 -11.36
CA GLY B 42 8.74 -14.02 -10.63
C GLY B 42 7.53 -14.29 -9.77
N GLY B 43 6.98 -15.50 -9.81
CA GLY B 43 5.81 -15.84 -9.01
C GLY B 43 4.56 -16.09 -9.83
N LEU B 44 3.40 -15.74 -9.27
CA LEU B 44 2.13 -16.00 -9.92
C LEU B 44 1.57 -14.80 -10.66
N GLY B 45 2.06 -13.60 -10.38
CA GLY B 45 1.55 -12.40 -11.03
C GLY B 45 0.22 -11.92 -10.50
N ILE B 46 -0.03 -12.09 -9.19
CA ILE B 46 -1.25 -11.63 -8.56
C ILE B 46 -0.93 -11.05 -7.19
N SER B 47 -1.85 -10.25 -6.68
CA SER B 47 -1.85 -9.85 -5.28
C SER B 47 -3.23 -10.22 -4.71
N ILE B 48 -3.25 -10.64 -3.46
CA ILE B 48 -4.50 -11.01 -2.83
C ILE B 48 -4.76 -10.09 -1.65
N ALA B 49 -6.04 -9.89 -1.35
CA ALA B 49 -6.46 -9.02 -0.25
C ALA B 49 -7.54 -9.72 0.57
N GLY B 50 -7.82 -9.16 1.74
CA GLY B 50 -8.87 -9.68 2.58
C GLY B 50 -8.39 -10.80 3.49
N GLY B 51 -9.36 -11.39 4.20
CA GLY B 51 -9.09 -12.47 5.14
C GLY B 51 -9.80 -12.25 6.47
N LYS B 52 -10.09 -13.35 7.16
CA LYS B 52 -10.69 -13.27 8.48
C LYS B 52 -9.74 -12.59 9.45
N GLY B 53 -10.27 -11.64 10.23
CA GLY B 53 -9.49 -10.92 11.20
C GLY B 53 -8.80 -9.69 10.69
N SER B 54 -8.84 -9.42 9.39
CA SER B 54 -8.26 -8.22 8.79
C SER B 54 -9.37 -7.42 8.11
N THR B 55 -9.01 -6.26 7.56
CA THR B 55 -9.99 -5.36 6.99
C THR B 55 -10.56 -5.95 5.70
N PRO B 56 -11.88 -6.01 5.54
CA PRO B 56 -12.45 -6.62 4.33
C PRO B 56 -12.00 -5.88 3.08
N TYR B 57 -11.80 -6.63 2.00
CA TYR B 57 -11.48 -6.04 0.71
C TYR B 57 -12.68 -5.30 0.13
N LYS B 58 -13.89 -5.77 0.43
CA LYS B 58 -15.08 -5.09 -0.06
C LYS B 58 -16.24 -5.40 0.88
N GLY B 59 -16.99 -4.35 1.25
CA GLY B 59 -18.12 -4.54 2.12
C GLY B 59 -17.72 -5.15 3.44
N ASP B 60 -18.51 -6.11 3.90
CA ASP B 60 -18.20 -6.88 5.10
C ASP B 60 -17.75 -8.30 4.76
N ASP B 61 -17.49 -8.58 3.49
CA ASP B 61 -17.01 -9.89 3.05
C ASP B 61 -15.55 -10.04 3.43
N GLU B 62 -15.25 -10.97 4.33
CA GLU B 62 -13.88 -11.21 4.77
C GLU B 62 -13.17 -12.24 3.90
N GLY B 63 -13.69 -12.56 2.72
CA GLY B 63 -13.08 -13.55 1.87
C GLY B 63 -11.76 -13.06 1.29
N ILE B 64 -11.17 -13.94 0.49
CA ILE B 64 -9.87 -13.70 -0.14
C ILE B 64 -10.12 -13.27 -1.58
N PHE B 65 -9.61 -12.09 -1.95
CA PHE B 65 -9.84 -11.53 -3.27
C PHE B 65 -8.53 -11.27 -4.00
N ILE B 66 -8.59 -11.40 -5.32
CA ILE B 66 -7.53 -10.90 -6.19
C ILE B 66 -7.62 -9.38 -6.23
N SER B 67 -6.55 -8.70 -5.78
CA SER B 67 -6.51 -7.24 -5.79
C SER B 67 -5.70 -6.68 -6.95
N ARG B 68 -4.91 -7.52 -7.62
CA ARG B 68 -4.00 -7.06 -8.66
C ARG B 68 -3.67 -8.25 -9.56
N VAL B 69 -3.51 -7.99 -10.86
CA VAL B 69 -2.99 -8.98 -11.80
C VAL B 69 -1.94 -8.31 -12.68
N SER B 70 -0.75 -8.90 -12.74
CA SER B 70 0.32 -8.36 -13.59
C SER B 70 -0.08 -8.46 -15.05
N GLU B 71 0.15 -7.36 -15.77
CA GLU B 71 -0.55 -7.13 -17.04
C GLU B 71 -0.44 -8.32 -17.97
N GLU B 72 0.71 -8.99 -18.00
CA GLU B 72 0.86 -10.15 -18.86
C GLU B 72 1.74 -11.20 -18.16
N GLY B 73 1.41 -11.50 -16.91
CA GLY B 73 2.08 -12.53 -16.17
C GLY B 73 1.29 -13.82 -16.18
N PRO B 74 1.71 -14.80 -15.37
CA PRO B 74 1.06 -16.11 -15.41
C PRO B 74 -0.44 -16.07 -15.19
N ALA B 75 -0.91 -15.30 -14.20
CA ALA B 75 -2.33 -15.30 -13.88
C ALA B 75 -3.13 -14.65 -14.99
N ALA B 76 -2.66 -13.52 -15.52
CA ALA B 76 -3.34 -12.89 -16.64
C ALA B 76 -3.57 -13.88 -17.77
N ARG B 77 -2.52 -14.65 -18.12
CA ARG B 77 -2.67 -15.66 -19.15
C ARG B 77 -3.69 -16.72 -18.78
N ALA B 78 -3.80 -17.06 -17.50
CA ALA B 78 -4.78 -18.04 -17.05
C ALA B 78 -6.19 -17.46 -16.93
N GLY B 79 -6.36 -16.17 -17.17
CA GLY B 79 -7.68 -15.55 -17.17
C GLY B 79 -8.15 -15.00 -15.84
N VAL B 80 -7.27 -14.88 -14.85
CA VAL B 80 -7.66 -14.31 -13.56
C VAL B 80 -7.87 -12.81 -13.71
N ARG B 81 -8.76 -12.26 -12.90
CA ARG B 81 -9.13 -10.85 -12.99
C ARG B 81 -9.21 -10.23 -11.61
N VAL B 82 -8.88 -8.93 -11.54
CA VAL B 82 -9.12 -8.15 -10.34
C VAL B 82 -10.57 -8.35 -9.92
N GLY B 83 -10.78 -8.62 -8.64
CA GLY B 83 -12.09 -8.79 -8.09
C GLY B 83 -12.50 -10.24 -7.91
N ASP B 84 -11.86 -11.16 -8.64
CA ASP B 84 -12.14 -12.57 -8.44
C ASP B 84 -11.99 -12.95 -6.97
N LYS B 85 -12.93 -13.75 -6.49
CA LYS B 85 -12.95 -14.20 -5.11
C LYS B 85 -12.42 -15.63 -5.05
N LEU B 86 -11.37 -15.85 -4.27
CA LEU B 86 -10.70 -17.13 -4.19
C LEU B 86 -11.43 -18.05 -3.22
N LEU B 87 -11.92 -19.19 -3.74
CA LEU B 87 -12.68 -20.15 -2.95
C LEU B 87 -11.84 -21.34 -2.51
N GLU B 88 -10.90 -21.78 -3.35
CA GLU B 88 -10.19 -23.02 -3.11
C GLU B 88 -8.93 -23.04 -3.97
N VAL B 89 -7.85 -23.58 -3.42
CA VAL B 89 -6.58 -23.68 -4.12
C VAL B 89 -6.03 -25.09 -3.95
N ASN B 90 -5.91 -25.82 -5.06
CA ASN B 90 -5.33 -27.16 -5.08
C ASN B 90 -5.90 -28.03 -3.95
N GLY B 91 -7.23 -28.05 -3.85
CA GLY B 91 -7.93 -28.85 -2.86
C GLY B 91 -8.06 -28.21 -1.49
N VAL B 92 -7.44 -27.06 -1.26
CA VAL B 92 -7.49 -26.38 0.02
C VAL B 92 -8.59 -25.33 -0.02
N ALA B 93 -9.55 -25.44 0.89
CA ALA B 93 -10.66 -24.49 0.97
C ALA B 93 -10.23 -23.23 1.70
N LEU B 94 -10.67 -22.08 1.19
CA LEU B 94 -10.32 -20.80 1.78
C LEU B 94 -11.47 -20.15 2.53
N GLN B 95 -12.61 -20.82 2.65
CA GLN B 95 -13.71 -20.31 3.46
C GLN B 95 -13.23 -20.06 4.89
N GLY B 96 -13.34 -18.81 5.34
CA GLY B 96 -12.92 -18.47 6.68
C GLY B 96 -11.42 -18.39 6.89
N ALA B 97 -10.64 -18.44 5.81
CA ALA B 97 -9.19 -18.38 5.95
C ALA B 97 -8.73 -17.00 6.44
N GLU B 98 -7.75 -16.99 7.33
CA GLU B 98 -7.06 -15.76 7.62
C GLU B 98 -6.17 -15.36 6.45
N HIS B 99 -5.86 -14.07 6.37
CA HIS B 99 -5.07 -13.56 5.26
C HIS B 99 -3.75 -14.32 5.12
N HIS B 100 -3.04 -14.51 6.23
CA HIS B 100 -1.74 -15.16 6.16
C HIS B 100 -1.89 -16.64 5.80
N GLU B 101 -3.03 -17.26 6.15
CA GLU B 101 -3.25 -18.65 5.76
C GLU B 101 -3.42 -18.76 4.24
N ALA B 102 -4.12 -17.82 3.62
CA ALA B 102 -4.23 -17.81 2.17
C ALA B 102 -2.86 -17.58 1.53
N VAL B 103 -2.08 -16.64 2.07
CA VAL B 103 -0.74 -16.39 1.54
C VAL B 103 0.10 -17.65 1.58
N GLU B 104 0.05 -18.37 2.70
CA GLU B 104 0.87 -19.57 2.85
C GLU B 104 0.44 -20.66 1.89
N ALA B 105 -0.88 -20.85 1.70
CA ALA B 105 -1.35 -21.86 0.77
C ALA B 105 -0.88 -21.54 -0.65
N LEU B 106 -0.88 -20.27 -1.03
CA LEU B 106 -0.52 -19.92 -2.41
C LEU B 106 0.99 -19.93 -2.60
N ARG B 107 1.75 -19.46 -1.62
CA ARG B 107 3.20 -19.56 -1.72
C ARG B 107 3.63 -21.02 -1.73
N GLY B 108 2.93 -21.87 -0.99
CA GLY B 108 3.25 -23.28 -0.91
C GLY B 108 2.66 -24.14 -2.02
N ALA B 109 1.84 -23.58 -2.89
CA ALA B 109 1.41 -24.30 -4.08
C ALA B 109 2.56 -24.32 -5.08
N GLY B 110 2.68 -25.42 -5.82
CA GLY B 110 3.87 -25.65 -6.61
C GLY B 110 3.85 -25.04 -7.98
N THR B 111 4.27 -25.83 -8.98
CA THR B 111 4.39 -25.33 -10.34
C THR B 111 3.05 -24.88 -10.89
N ALA B 112 1.99 -25.60 -10.57
CA ALA B 112 0.67 -25.37 -11.15
C ALA B 112 -0.31 -25.05 -10.02
N VAL B 113 -0.93 -23.88 -10.09
CA VAL B 113 -1.83 -23.40 -9.06
C VAL B 113 -3.23 -23.36 -9.67
N GLN B 114 -4.05 -24.34 -9.31
CA GLN B 114 -5.41 -24.44 -9.82
C GLN B 114 -6.36 -23.91 -8.76
N MET B 115 -7.12 -22.88 -9.10
CA MET B 115 -8.02 -22.23 -8.16
C MET B 115 -9.44 -22.21 -8.69
N ARG B 116 -10.39 -22.34 -7.78
CA ARG B 116 -11.80 -22.12 -8.05
C ARG B 116 -12.16 -20.74 -7.52
N VAL B 117 -12.69 -19.90 -8.39
CA VAL B 117 -12.94 -18.50 -8.06
C VAL B 117 -14.38 -18.12 -8.39
N TRP B 118 -14.89 -17.15 -7.64
CA TRP B 118 -16.23 -16.59 -7.84
C TRP B 118 -16.09 -15.19 -8.43
N ARG B 119 -16.85 -14.91 -9.49
CA ARG B 119 -16.72 -13.68 -10.24
C ARG B 119 -18.05 -12.96 -10.37
N GLU B 120 -18.04 -11.66 -10.12
CA GLU B 120 -19.20 -10.78 -10.10
C GLU B 120 -19.14 -9.82 -11.29
N ARG B 121 -20.08 -8.88 -11.32
CA ARG B 121 -20.02 -7.77 -12.28
C ARG B 121 -20.14 -6.44 -11.53
N LEU C 21 41.90 21.41 16.70
CA LEU C 21 40.93 20.63 15.94
C LEU C 21 39.63 20.45 16.73
N LEU C 22 38.52 20.25 16.00
CA LEU C 22 37.23 20.02 16.64
C LEU C 22 37.15 18.61 17.20
N ILE C 23 36.60 18.50 18.41
CA ILE C 23 36.27 17.22 19.02
C ILE C 23 34.80 16.97 18.72
N GLU C 24 34.49 15.81 18.14
CA GLU C 24 33.11 15.47 17.84
C GLU C 24 32.27 15.62 19.11
N PRO C 25 31.17 16.36 19.07
CA PRO C 25 30.30 16.43 20.25
C PRO C 25 29.66 15.08 20.52
N ALA C 26 29.22 14.90 21.76
CA ALA C 26 28.45 13.72 22.11
C ALA C 26 27.28 13.55 21.14
N ARG C 27 27.07 12.32 20.69
CA ARG C 27 25.92 12.03 19.84
C ARG C 27 25.28 10.71 20.28
N ILE C 28 23.95 10.69 20.23
CA ILE C 28 23.20 9.47 20.49
C ILE C 28 23.14 8.65 19.22
N GLU C 29 23.50 7.37 19.33
CA GLU C 29 23.48 6.46 18.20
C GLU C 29 22.24 5.57 18.20
N GLU C 30 21.82 5.12 19.38
CA GLU C 30 20.66 4.25 19.50
C GLU C 30 19.90 4.61 20.77
N GLU C 31 18.57 4.54 20.68
CA GLU C 31 17.70 4.78 21.81
C GLU C 31 16.72 3.62 21.94
N GLU C 32 16.37 3.32 23.18
CA GLU C 32 15.29 2.39 23.50
C GLU C 32 14.19 3.23 24.16
N LEU C 33 13.06 3.34 23.47
CA LEU C 33 11.97 4.21 23.89
C LEU C 33 10.76 3.38 24.31
N THR C 34 9.97 3.93 25.23
CA THR C 34 8.67 3.39 25.57
C THR C 34 7.63 4.36 25.05
N LEU C 35 6.74 3.85 24.20
CA LEU C 35 5.75 4.66 23.51
C LEU C 35 4.38 4.03 23.69
N THR C 36 3.36 4.87 23.78
CA THR C 36 1.99 4.39 23.95
C THR C 36 1.12 4.95 22.82
N ILE C 37 0.57 4.05 22.02
CA ILE C 37 -0.36 4.41 20.97
C ILE C 37 -1.76 4.35 21.53
N LEU C 38 -2.58 5.36 21.25
CA LEU C 38 -4.00 5.31 21.57
C LEU C 38 -4.75 4.80 20.35
N ARG C 39 -5.28 3.58 20.45
CA ARG C 39 -6.01 3.00 19.33
C ARG C 39 -7.26 3.82 19.02
N GLN C 40 -7.55 3.97 17.74
CA GLN C 40 -8.78 4.59 17.27
C GLN C 40 -9.55 3.58 16.43
N THR C 41 -10.79 3.94 16.09
CA THR C 41 -11.65 3.07 15.29
C THR C 41 -10.88 2.52 14.10
N GLY C 42 -10.04 3.35 13.48
CA GLY C 42 -9.26 2.92 12.33
C GLY C 42 -8.05 2.08 12.64
N GLY C 43 -7.72 1.84 13.91
CA GLY C 43 -6.56 1.04 14.26
C GLY C 43 -5.41 1.86 14.82
N LEU C 44 -4.17 1.45 14.55
CA LEU C 44 -3.01 2.05 15.18
C LEU C 44 -2.21 2.96 14.26
N GLY C 45 -2.43 2.91 12.96
CA GLY C 45 -1.70 3.76 12.05
C GLY C 45 -0.29 3.31 11.79
N ILE C 46 -0.04 1.99 11.76
CA ILE C 46 1.27 1.44 11.50
C ILE C 46 1.14 0.24 10.58
N SER C 47 2.26 -0.11 9.95
CA SER C 47 2.44 -1.42 9.36
C SER C 47 3.74 -2.00 9.92
N ILE C 48 3.77 -3.32 10.05
CA ILE C 48 4.95 -4.01 10.57
C ILE C 48 5.41 -5.02 9.54
N ALA C 49 6.72 -5.28 9.54
CA ALA C 49 7.31 -6.26 8.64
C ALA C 49 8.31 -7.08 9.43
N GLY C 50 8.56 -8.30 8.94
CA GLY C 50 9.60 -9.16 9.48
C GLY C 50 9.03 -10.32 10.29
N GLY C 51 9.94 -10.98 11.01
CA GLY C 51 9.59 -12.12 11.83
C GLY C 51 10.46 -13.33 11.50
N LYS C 52 10.55 -14.27 12.44
CA LYS C 52 11.25 -15.53 12.17
C LYS C 52 10.65 -16.21 10.96
N GLY C 53 11.48 -16.45 9.95
CA GLY C 53 11.02 -17.05 8.72
C GLY C 53 10.54 -16.07 7.66
N SER C 54 10.47 -14.79 7.99
CA SER C 54 10.15 -13.77 7.01
C SER C 54 11.43 -13.18 6.43
N THR C 55 11.30 -12.54 5.27
CA THR C 55 12.42 -11.79 4.72
C THR C 55 12.80 -10.70 5.71
N PRO C 56 14.03 -10.68 6.21
CA PRO C 56 14.43 -9.62 7.15
C PRO C 56 14.04 -8.24 6.66
N TYR C 57 13.59 -7.40 7.60
CA TYR C 57 13.36 -6.01 7.28
C TYR C 57 14.67 -5.32 6.90
N LYS C 58 15.77 -5.71 7.54
CA LYS C 58 17.05 -5.07 7.31
C LYS C 58 18.15 -6.09 7.57
N GLY C 59 19.16 -6.08 6.71
CA GLY C 59 20.29 -6.99 6.82
C GLY C 59 19.87 -8.41 7.12
N ASP C 60 20.22 -8.87 8.32
CA ASP C 60 19.98 -10.25 8.75
C ASP C 60 19.01 -10.32 9.93
N ASP C 61 18.36 -9.22 10.28
CA ASP C 61 17.55 -9.15 11.49
C ASP C 61 16.15 -9.65 11.20
N GLU C 62 15.76 -10.77 11.82
CA GLU C 62 14.42 -11.31 11.69
C GLU C 62 13.42 -10.67 12.64
N GLY C 63 13.75 -9.52 13.21
CA GLY C 63 12.88 -8.88 14.17
C GLY C 63 11.65 -8.27 13.54
N ILE C 64 10.79 -7.74 14.41
CA ILE C 64 9.56 -7.08 14.01
C ILE C 64 9.85 -5.59 13.91
N PHE C 65 9.61 -5.02 12.72
CA PHE C 65 9.95 -3.63 12.45
C PHE C 65 8.72 -2.85 12.00
N ILE C 66 8.72 -1.56 12.32
CA ILE C 66 7.75 -0.62 11.78
C ILE C 66 8.17 -0.28 10.37
N SER C 67 7.32 -0.62 9.40
CA SER C 67 7.63 -0.36 8.00
C SER C 67 6.88 0.83 7.45
N ARG C 68 5.82 1.26 8.13
CA ARG C 68 5.02 2.40 7.69
C ARG C 68 4.32 3.02 8.89
N VAL C 69 4.26 4.35 8.92
CA VAL C 69 3.45 5.10 9.87
C VAL C 69 2.51 6.01 9.10
N SER C 70 1.22 5.91 9.39
CA SER C 70 0.23 6.82 8.80
C SER C 70 0.47 8.24 9.28
N GLU C 71 0.35 9.19 8.35
CA GLU C 71 0.93 10.51 8.58
C GLU C 71 0.46 11.11 9.89
N GLU C 72 -0.84 11.41 9.99
CA GLU C 72 -1.38 12.05 11.18
C GLU C 72 -2.09 11.04 12.10
N GLY C 73 -1.68 9.77 12.07
CA GLY C 73 -2.37 8.73 12.78
C GLY C 73 -1.97 8.61 14.25
N PRO C 74 -2.57 7.63 14.94
CA PRO C 74 -2.28 7.48 16.38
C PRO C 74 -0.83 7.16 16.68
N ALA C 75 -0.17 6.40 15.81
CA ALA C 75 1.22 6.04 16.04
C ALA C 75 2.14 7.22 15.79
N ALA C 76 1.85 8.02 14.76
CA ALA C 76 2.67 9.19 14.49
C ALA C 76 2.60 10.17 15.65
N ARG C 77 1.40 10.42 16.16
CA ARG C 77 1.25 11.31 17.32
C ARG C 77 2.02 10.76 18.51
N ALA C 78 2.05 9.43 18.67
CA ALA C 78 2.78 8.82 19.78
C ALA C 78 4.29 8.85 19.61
N GLY C 79 4.80 9.28 18.46
CA GLY C 79 6.23 9.34 18.23
C GLY C 79 6.84 8.09 17.62
N VAL C 80 6.01 7.17 17.11
CA VAL C 80 6.53 6.01 16.39
C VAL C 80 7.13 6.47 15.06
N ARG C 81 8.18 5.76 14.63
CA ARG C 81 8.90 6.10 13.40
C ARG C 81 9.15 4.86 12.58
N VAL C 82 9.02 5.01 11.25
CA VAL C 82 9.44 3.97 10.32
C VAL C 82 10.85 3.53 10.68
N GLY C 83 11.04 2.22 10.80
CA GLY C 83 12.33 1.66 11.16
C GLY C 83 12.47 1.26 12.61
N ASP C 84 11.55 1.68 13.47
CA ASP C 84 11.58 1.23 14.86
C ASP C 84 11.43 -0.28 14.93
N LYS C 85 12.22 -0.90 15.81
CA LYS C 85 12.16 -2.33 16.07
C LYS C 85 11.36 -2.60 17.33
N LEU C 86 10.33 -3.42 17.23
CA LEU C 86 9.43 -3.69 18.34
C LEU C 86 10.01 -4.78 19.22
N LEU C 87 10.26 -4.44 20.49
CA LEU C 87 10.78 -5.38 21.47
C LEU C 87 9.69 -5.95 22.36
N GLU C 88 8.70 -5.15 22.74
CA GLU C 88 7.73 -5.58 23.73
C GLU C 88 6.44 -4.81 23.53
N VAL C 89 5.30 -5.50 23.71
CA VAL C 89 3.98 -4.88 23.62
C VAL C 89 3.22 -5.23 24.88
N ASN C 90 2.96 -4.23 25.72
CA ASN C 90 2.10 -4.38 26.89
C ASN C 90 2.52 -5.58 27.73
N GLY C 91 3.83 -5.78 27.86
CA GLY C 91 4.38 -6.84 28.69
C GLY C 91 4.64 -8.14 27.97
N VAL C 92 4.35 -8.24 26.68
CA VAL C 92 4.63 -9.44 25.90
C VAL C 92 5.86 -9.16 25.07
N ALA C 93 6.89 -9.99 25.25
CA ALA C 93 8.12 -9.88 24.48
C ALA C 93 7.95 -10.50 23.10
N LEU C 94 8.62 -9.90 22.11
CA LEU C 94 8.52 -10.33 20.72
C LEU C 94 9.76 -11.09 20.23
N GLN C 95 10.77 -11.27 21.07
CA GLN C 95 11.92 -12.10 20.77
C GLN C 95 11.50 -13.43 20.17
N GLY C 96 11.99 -13.73 18.97
CA GLY C 96 11.66 -14.98 18.31
C GLY C 96 10.25 -15.07 17.77
N ALA C 97 9.56 -13.94 17.62
CA ALA C 97 8.19 -13.96 17.12
C ALA C 97 8.18 -14.17 15.62
N GLU C 98 7.37 -15.14 15.18
CA GLU C 98 7.00 -15.19 13.78
C GLU C 98 6.08 -14.03 13.45
N HIS C 99 5.93 -13.74 12.16
CA HIS C 99 5.22 -12.53 11.75
C HIS C 99 3.80 -12.52 12.29
N HIS C 100 3.07 -13.63 12.17
CA HIS C 100 1.67 -13.64 12.56
C HIS C 100 1.52 -13.49 14.08
N GLU C 101 2.45 -14.08 14.85
CA GLU C 101 2.39 -13.94 16.30
C GLU C 101 2.42 -12.47 16.71
N ALA C 102 3.30 -11.69 16.10
CA ALA C 102 3.36 -10.27 16.41
C ALA C 102 2.10 -9.55 15.97
N VAL C 103 1.58 -9.89 14.79
CA VAL C 103 0.33 -9.29 14.32
C VAL C 103 -0.77 -9.51 15.35
N GLU C 104 -0.89 -10.74 15.85
CA GLU C 104 -1.95 -11.03 16.80
C GLU C 104 -1.71 -10.31 18.11
N ALA C 105 -0.46 -10.26 18.57
CA ALA C 105 -0.14 -9.52 19.78
C ALA C 105 -0.63 -8.08 19.67
N LEU C 106 -0.42 -7.47 18.50
CA LEU C 106 -0.77 -6.06 18.35
C LEU C 106 -2.27 -5.88 18.11
N ARG C 107 -2.86 -6.72 17.27
CA ARG C 107 -4.30 -6.64 17.03
C ARG C 107 -5.07 -6.83 18.33
N GLY C 108 -4.54 -7.62 19.26
CA GLY C 108 -5.25 -7.92 20.50
C GLY C 108 -4.71 -7.17 21.70
N ALA C 109 -3.98 -6.08 21.48
CA ALA C 109 -3.34 -5.36 22.56
C ALA C 109 -4.27 -4.37 23.28
N GLY C 110 -5.42 -4.06 22.71
CA GLY C 110 -6.41 -3.24 23.40
C GLY C 110 -6.40 -1.78 22.97
N THR C 111 -6.98 -0.96 23.83
CA THR C 111 -7.15 0.46 23.54
C THR C 111 -5.84 1.23 23.59
N ALA C 112 -4.91 0.80 24.43
CA ALA C 112 -3.64 1.51 24.62
C ALA C 112 -2.53 0.51 24.42
N VAL C 113 -1.66 0.79 23.45
CA VAL C 113 -0.62 -0.15 23.03
C VAL C 113 0.70 0.49 23.40
N GLN C 114 1.28 0.05 24.51
CA GLN C 114 2.56 0.54 25.00
C GLN C 114 3.66 -0.37 24.45
N MET C 115 4.57 0.21 23.69
CA MET C 115 5.63 -0.54 23.02
C MET C 115 6.99 -0.09 23.51
N ARG C 116 7.86 -1.06 23.75
CA ARG C 116 9.28 -0.81 23.92
C ARG C 116 9.94 -1.07 22.58
N VAL C 117 10.59 -0.06 22.02
CA VAL C 117 11.18 -0.15 20.69
C VAL C 117 12.65 0.23 20.73
N TRP C 118 13.44 -0.41 19.88
CA TRP C 118 14.83 -0.06 19.63
C TRP C 118 14.91 0.80 18.37
N ARG C 119 15.57 1.94 18.48
CA ARG C 119 15.63 2.91 17.40
C ARG C 119 17.09 3.21 17.05
N GLU C 120 17.40 3.20 15.76
CA GLU C 120 18.69 3.63 15.25
C GLU C 120 18.58 5.05 14.68
N ARG C 121 19.72 5.72 14.61
CA ARG C 121 19.81 7.05 14.01
C ARG C 121 19.11 8.09 14.89
N LEU D 21 40.53 -9.01 23.28
CA LEU D 21 39.62 -7.95 22.87
C LEU D 21 39.56 -7.86 21.34
N LEU D 22 38.34 -7.83 20.81
CA LEU D 22 38.14 -7.77 19.37
C LEU D 22 38.37 -6.36 18.85
N ILE D 23 38.98 -6.25 17.67
CA ILE D 23 39.06 -4.99 16.96
C ILE D 23 37.91 -4.93 15.97
N GLU D 24 37.16 -3.83 16.01
CA GLU D 24 36.07 -3.62 15.07
C GLU D 24 36.57 -3.86 13.65
N PRO D 25 35.82 -4.59 12.82
CA PRO D 25 36.24 -4.76 11.43
C PRO D 25 35.89 -3.54 10.59
N ALA D 26 36.46 -3.49 9.39
CA ALA D 26 36.15 -2.44 8.44
C ALA D 26 34.64 -2.37 8.19
N ARG D 27 34.10 -1.16 8.27
CA ARG D 27 32.67 -0.94 8.18
C ARG D 27 32.39 0.19 7.19
N ILE D 28 31.53 -0.07 6.21
CA ILE D 28 31.13 0.96 5.26
C ILE D 28 29.97 1.74 5.87
N GLU D 29 30.13 3.06 5.97
CA GLU D 29 29.11 3.91 6.56
C GLU D 29 28.13 4.46 5.52
N GLU D 30 28.64 4.92 4.38
CA GLU D 30 27.82 5.51 3.33
C GLU D 30 28.36 5.08 1.98
N GLU D 31 27.50 5.16 0.97
CA GLU D 31 27.85 4.73 -0.39
C GLU D 31 27.08 5.55 -1.40
N GLU D 32 27.75 5.94 -2.48
CA GLU D 32 27.10 6.45 -3.67
C GLU D 32 27.26 5.41 -4.77
N LEU D 33 26.14 4.93 -5.31
CA LEU D 33 26.12 3.85 -6.27
C LEU D 33 25.50 4.29 -7.59
N THR D 34 25.87 3.58 -8.66
CA THR D 34 25.18 3.69 -9.93
C THR D 34 24.50 2.36 -10.21
N LEU D 35 23.17 2.39 -10.32
CA LEU D 35 22.37 1.19 -10.55
C LEU D 35 21.51 1.41 -11.78
N THR D 36 21.23 0.32 -12.50
CA THR D 36 20.42 0.37 -13.71
C THR D 36 19.28 -0.61 -13.58
N ILE D 37 18.05 -0.09 -13.67
CA ILE D 37 16.84 -0.91 -13.61
C ILE D 37 16.40 -1.18 -15.04
N LEU D 38 16.02 -2.42 -15.32
CA LEU D 38 15.49 -2.79 -16.62
C LEU D 38 13.97 -2.83 -16.49
N ARG D 39 13.31 -1.80 -17.02
CA ARG D 39 11.87 -1.68 -16.91
C ARG D 39 11.18 -2.91 -17.49
N GLN D 40 10.15 -3.38 -16.80
CA GLN D 40 9.28 -4.43 -17.30
C GLN D 40 7.87 -3.89 -17.54
N THR D 41 7.06 -4.71 -18.21
CA THR D 41 5.70 -4.31 -18.54
C THR D 41 4.97 -3.72 -17.34
N GLY D 42 5.17 -4.29 -16.16
CA GLY D 42 4.58 -3.73 -14.97
C GLY D 42 5.36 -2.59 -14.33
N GLY D 43 6.52 -2.23 -14.88
CA GLY D 43 7.24 -1.08 -14.38
C GLY D 43 8.60 -1.32 -13.78
N LEU D 44 8.89 -0.62 -12.69
CA LEU D 44 10.22 -0.58 -12.09
C LEU D 44 10.30 -1.29 -10.75
N GLY D 45 9.16 -1.54 -10.11
CA GLY D 45 9.12 -2.19 -8.81
C GLY D 45 9.57 -1.31 -7.68
N ILE D 46 9.21 -0.03 -7.69
CA ILE D 46 9.59 0.90 -6.62
C ILE D 46 8.46 1.88 -6.36
N SER D 47 8.53 2.50 -5.19
CA SER D 47 7.79 3.70 -4.88
C SER D 47 8.77 4.74 -4.37
N ILE D 48 8.48 6.02 -4.64
CA ILE D 48 9.33 7.10 -4.18
C ILE D 48 8.50 8.04 -3.33
N ALA D 49 9.17 8.64 -2.35
CA ALA D 49 8.55 9.61 -1.45
C ALA D 49 9.43 10.85 -1.38
N GLY D 50 8.84 11.94 -0.92
CA GLY D 50 9.57 13.16 -0.67
C GLY D 50 9.51 14.13 -1.82
N GLY D 51 10.35 15.17 -1.69
CA GLY D 51 10.39 16.23 -2.67
C GLY D 51 10.25 17.59 -2.04
N LYS D 52 10.70 18.62 -2.74
CA LYS D 52 10.60 19.98 -2.24
C LYS D 52 9.14 20.35 -2.04
N GLY D 53 8.82 20.86 -0.86
CA GLY D 53 7.46 21.20 -0.51
C GLY D 53 6.62 20.03 -0.04
N SER D 54 7.24 18.88 0.16
CA SER D 54 6.55 17.68 0.58
C SER D 54 7.16 17.20 1.91
N THR D 55 6.38 16.43 2.67
CA THR D 55 6.88 15.94 3.95
C THR D 55 8.18 15.17 3.75
N PRO D 56 9.27 15.55 4.42
CA PRO D 56 10.53 14.84 4.24
C PRO D 56 10.41 13.36 4.55
N TYR D 57 11.10 12.54 3.74
CA TYR D 57 11.17 11.11 4.01
C TYR D 57 11.93 10.83 5.30
N LYS D 58 12.91 11.67 5.63
CA LYS D 58 13.77 11.46 6.77
C LYS D 58 14.24 12.82 7.25
N GLY D 59 14.20 13.04 8.57
CA GLY D 59 14.65 14.27 9.17
C GLY D 59 14.21 15.52 8.44
N ASP D 60 15.18 16.28 7.95
CA ASP D 60 14.92 17.54 7.29
C ASP D 60 15.08 17.45 5.77
N ASP D 61 15.36 16.26 5.25
CA ASP D 61 15.77 16.10 3.86
C ASP D 61 14.56 16.07 2.94
N GLU D 62 14.45 17.07 2.06
CA GLU D 62 13.37 17.15 1.09
C GLU D 62 13.67 16.39 -0.20
N GLY D 63 14.68 15.52 -0.19
CA GLY D 63 15.07 14.80 -1.38
C GLY D 63 14.10 13.69 -1.76
N ILE D 64 14.45 13.01 -2.85
CA ILE D 64 13.64 11.94 -3.41
C ILE D 64 14.21 10.62 -2.91
N PHE D 65 13.37 9.84 -2.22
CA PHE D 65 13.82 8.61 -1.58
C PHE D 65 13.00 7.42 -2.09
N ILE D 66 13.67 6.27 -2.19
CA ILE D 66 12.99 5.00 -2.41
C ILE D 66 12.28 4.62 -1.13
N SER D 67 10.95 4.54 -1.18
CA SER D 67 10.16 4.18 -0.01
C SER D 67 9.77 2.71 -0.01
N ARG D 68 9.75 2.06 -1.17
CA ARG D 68 9.38 0.65 -1.25
C ARG D 68 10.04 0.02 -2.47
N VAL D 69 10.39 -1.26 -2.34
CA VAL D 69 10.92 -2.07 -3.44
C VAL D 69 10.12 -3.36 -3.51
N SER D 70 9.49 -3.63 -4.65
CA SER D 70 8.79 -4.89 -4.86
C SER D 70 9.78 -6.05 -4.80
N GLU D 71 9.41 -7.09 -4.06
CA GLU D 71 10.39 -8.04 -3.53
C GLU D 71 11.25 -8.64 -4.63
N GLU D 72 10.64 -9.13 -5.69
CA GLU D 72 11.38 -9.72 -6.81
C GLU D 72 11.29 -8.88 -8.08
N GLY D 73 11.03 -7.58 -7.95
CA GLY D 73 10.83 -6.72 -9.09
C GLY D 73 12.13 -6.26 -9.72
N PRO D 74 12.00 -5.47 -10.79
CA PRO D 74 13.19 -5.01 -11.51
C PRO D 74 14.17 -4.24 -10.65
N ALA D 75 13.67 -3.42 -9.72
CA ALA D 75 14.57 -2.64 -8.88
C ALA D 75 15.23 -3.54 -7.84
N ALA D 76 14.48 -4.46 -7.25
CA ALA D 76 15.08 -5.45 -6.36
C ALA D 76 16.25 -6.14 -7.06
N ARG D 77 15.99 -6.69 -8.25
CA ARG D 77 17.03 -7.38 -8.98
C ARG D 77 18.21 -6.48 -9.32
N ALA D 78 18.01 -5.17 -9.38
CA ALA D 78 19.09 -4.23 -9.67
C ALA D 78 19.85 -3.79 -8.43
N GLY D 79 19.45 -4.25 -7.24
CA GLY D 79 20.10 -3.84 -6.01
C GLY D 79 19.61 -2.55 -5.42
N VAL D 80 18.50 -1.99 -5.92
CA VAL D 80 17.88 -0.85 -5.26
C VAL D 80 17.35 -1.27 -3.90
N ARG D 81 17.50 -0.41 -2.90
CA ARG D 81 17.10 -0.70 -1.54
C ARG D 81 16.22 0.41 -0.99
N VAL D 82 15.27 0.02 -0.15
CA VAL D 82 14.45 0.99 0.57
C VAL D 82 15.37 1.95 1.31
N GLY D 83 15.07 3.24 1.23
CA GLY D 83 15.89 4.26 1.84
C GLY D 83 16.89 4.90 0.93
N ASP D 84 17.13 4.32 -0.25
CA ASP D 84 18.05 4.93 -1.21
C ASP D 84 17.56 6.33 -1.59
N LYS D 85 18.48 7.28 -1.62
CA LYS D 85 18.20 8.64 -2.04
C LYS D 85 18.60 8.82 -3.50
N LEU D 86 17.68 9.33 -4.31
CA LEU D 86 17.88 9.43 -5.75
C LEU D 86 18.47 10.79 -6.10
N LEU D 87 19.66 10.78 -6.71
CA LEU D 87 20.38 11.97 -7.09
C LEU D 87 20.31 12.28 -8.57
N GLU D 88 20.21 11.26 -9.42
CA GLU D 88 20.21 11.48 -10.85
C GLU D 88 19.66 10.25 -11.53
N VAL D 89 18.94 10.47 -12.63
CA VAL D 89 18.43 9.39 -13.47
C VAL D 89 18.74 9.76 -14.90
N ASN D 90 19.52 8.92 -15.56
CA ASN D 90 19.81 9.06 -16.99
C ASN D 90 20.23 10.48 -17.32
N GLY D 91 21.15 11.02 -16.52
CA GLY D 91 21.71 12.32 -16.77
C GLY D 91 20.86 13.49 -16.31
N VAL D 92 19.72 13.25 -15.67
CA VAL D 92 18.86 14.31 -15.14
C VAL D 92 19.03 14.33 -13.62
N ALA D 93 19.49 15.47 -13.11
CA ALA D 93 19.69 15.64 -11.68
C ALA D 93 18.39 16.00 -10.98
N LEU D 94 18.24 15.52 -9.75
CA LEU D 94 17.01 15.67 -9.00
C LEU D 94 17.11 16.64 -7.83
N GLN D 95 18.27 17.24 -7.57
CA GLN D 95 18.37 18.25 -6.53
C GLN D 95 17.34 19.34 -6.79
N GLY D 96 16.59 19.69 -5.74
CA GLY D 96 15.58 20.72 -5.85
C GLY D 96 14.29 20.26 -6.49
N ALA D 97 14.18 18.99 -6.86
CA ALA D 97 13.00 18.49 -7.54
C ALA D 97 11.80 18.48 -6.61
N GLU D 98 10.68 19.02 -7.07
CA GLU D 98 9.40 18.73 -6.44
C GLU D 98 9.02 17.28 -6.73
N HIS D 99 8.03 16.78 -5.97
CA HIS D 99 7.68 15.37 -6.06
C HIS D 99 7.24 15.00 -7.48
N HIS D 100 6.35 15.80 -8.08
CA HIS D 100 5.81 15.44 -9.38
C HIS D 100 6.90 15.45 -10.44
N GLU D 101 7.87 16.36 -10.33
CA GLU D 101 8.97 16.39 -11.29
C GLU D 101 9.76 15.09 -11.27
N ALA D 102 10.07 14.58 -10.07
CA ALA D 102 10.77 13.31 -9.96
C ALA D 102 9.93 12.18 -10.54
N VAL D 103 8.62 12.18 -10.28
CA VAL D 103 7.76 11.14 -10.83
C VAL D 103 7.83 11.15 -12.35
N GLU D 104 7.72 12.34 -12.95
CA GLU D 104 7.71 12.41 -14.41
C GLU D 104 9.06 11.98 -14.98
N ALA D 105 10.16 12.36 -14.31
CA ALA D 105 11.47 11.98 -14.81
C ALA D 105 11.61 10.47 -14.86
N LEU D 106 11.09 9.77 -13.84
CA LEU D 106 11.23 8.32 -13.80
C LEU D 106 10.23 7.65 -14.73
N ARG D 107 9.00 8.15 -14.78
CA ARG D 107 8.00 7.57 -15.66
C ARG D 107 8.43 7.66 -17.11
N GLY D 108 9.17 8.71 -17.47
CA GLY D 108 9.58 8.93 -18.84
C GLY D 108 11.05 8.64 -19.08
N ALA D 109 11.64 7.80 -18.23
CA ALA D 109 13.05 7.49 -18.35
C ALA D 109 13.34 6.36 -19.34
N GLY D 110 12.32 5.72 -19.90
CA GLY D 110 12.52 4.71 -20.92
C GLY D 110 12.69 3.31 -20.35
N THR D 111 13.34 2.47 -21.15
CA THR D 111 13.41 1.03 -20.85
C THR D 111 14.52 0.69 -19.88
N ALA D 112 15.61 1.44 -19.86
CA ALA D 112 16.69 1.24 -18.91
C ALA D 112 16.86 2.50 -18.08
N VAL D 113 16.81 2.35 -16.76
CA VAL D 113 16.68 3.48 -15.85
C VAL D 113 17.90 3.43 -14.93
N GLN D 114 18.96 4.13 -15.35
CA GLN D 114 20.20 4.18 -14.60
C GLN D 114 20.17 5.39 -13.68
N MET D 115 20.32 5.14 -12.39
CA MET D 115 20.24 6.19 -11.40
C MET D 115 21.50 6.17 -10.54
N ARG D 116 21.92 7.35 -10.10
CA ARG D 116 22.93 7.47 -9.07
C ARG D 116 22.22 7.63 -7.73
N VAL D 117 22.67 6.87 -6.75
CA VAL D 117 21.96 6.67 -5.48
C VAL D 117 22.93 6.93 -4.33
N TRP D 118 22.46 7.64 -3.32
CA TRP D 118 23.14 7.77 -2.04
C TRP D 118 22.51 6.80 -1.05
N ARG D 119 23.35 6.02 -0.38
CA ARG D 119 22.89 4.96 0.51
C ARG D 119 23.61 5.07 1.84
N GLU D 120 22.85 4.93 2.93
CA GLU D 120 23.40 5.02 4.28
C GLU D 120 23.23 3.70 5.01
N ARG D 121 24.10 3.48 6.00
CA ARG D 121 24.15 2.22 6.74
C ARG D 121 24.16 1.03 5.77
N PRO E 1 4.79 19.94 3.67
CA PRO E 1 3.48 19.92 4.32
C PRO E 1 2.81 18.55 4.42
N ALA E 2 2.78 17.74 3.35
CA ALA E 2 2.09 16.46 3.41
C ALA E 2 2.89 15.39 2.67
N TRP E 3 2.53 14.14 2.96
CA TRP E 3 3.25 12.97 2.50
C TRP E 3 2.92 12.68 1.05
N ASP E 4 3.94 12.62 0.19
CA ASP E 4 3.76 12.40 -1.24
C ASP E 4 4.53 11.16 -1.64
N GLU E 5 3.79 10.15 -2.11
CA GLU E 5 4.34 8.84 -2.46
C GLU E 5 3.70 8.35 -3.74
N THR E 6 4.52 7.82 -4.65
CA THR E 6 4.04 7.37 -5.95
C THR E 6 4.67 6.03 -6.30
N ASN E 7 3.84 5.13 -6.80
CA ASN E 7 4.33 3.87 -7.32
C ASN E 7 4.99 4.09 -8.67
N LEU E 8 6.29 3.81 -8.73
CA LEU E 8 7.14 4.21 -9.84
C LEU E 8 7.18 5.71 -10.09
N PRO F 1 12.14 -16.20 4.14
CA PRO F 1 11.99 -16.52 2.72
C PRO F 1 11.16 -15.54 1.89
N ALA F 2 10.10 -14.94 2.43
CA ALA F 2 9.32 -13.98 1.66
C ALA F 2 8.92 -12.79 2.54
N TRP F 3 8.49 -11.73 1.87
CA TRP F 3 8.19 -10.45 2.51
C TRP F 3 6.82 -10.51 3.18
N ASP F 4 6.78 -10.23 4.48
CA ASP F 4 5.56 -10.28 5.26
C ASP F 4 5.31 -8.91 5.88
N GLU F 5 4.18 -8.31 5.54
CA GLU F 5 3.83 -6.97 5.98
C GLU F 5 2.33 -6.90 6.23
N THR F 6 1.95 -6.29 7.35
CA THR F 6 0.56 -6.21 7.78
C THR F 6 0.23 -4.79 8.21
N ASN F 7 -0.98 -4.34 7.88
CA ASN F 7 -1.51 -3.07 8.35
C ASN F 7 -2.21 -3.26 9.69
N LEU F 8 -1.85 -2.42 10.66
CA LEU F 8 -2.57 -2.36 11.93
C LEU F 8 -3.09 -0.94 12.18
N PRO G 1 -7.87 0.02 9.53
CA PRO G 1 -6.76 0.01 8.58
C PRO G 1 -7.18 -0.39 7.16
N ALA G 2 -6.39 -0.03 6.15
CA ALA G 2 -6.63 -0.53 4.81
C ALA G 2 -6.52 -2.05 4.79
N TRP G 3 -7.18 -2.68 3.83
CA TRP G 3 -7.08 -4.13 3.73
C TRP G 3 -5.64 -4.53 3.43
N ASP G 4 -5.27 -5.72 3.92
CA ASP G 4 -3.96 -6.29 3.64
C ASP G 4 -3.85 -6.71 2.18
N GLU G 5 -2.64 -6.55 1.63
CA GLU G 5 -2.34 -6.97 0.27
C GLU G 5 -0.96 -7.62 0.25
N THR G 6 -0.88 -8.78 -0.42
CA THR G 6 0.36 -9.54 -0.51
C THR G 6 0.60 -9.95 -1.96
N ASN G 7 1.81 -9.68 -2.46
CA ASN G 7 2.18 -10.07 -3.82
C ASN G 7 2.64 -11.52 -3.86
N LEU G 8 2.12 -12.27 -4.83
CA LEU G 8 2.44 -13.67 -5.03
C LEU G 8 2.92 -13.92 -6.45
N PRO H 1 2.41 -0.87 -12.28
CA PRO H 1 2.35 -0.72 -10.82
C PRO H 1 0.94 -0.81 -10.28
N ALA H 2 0.82 -0.97 -8.98
CA ALA H 2 -0.47 -0.79 -8.34
C ALA H 2 -0.94 0.65 -8.57
N TRP H 3 -2.23 0.87 -8.44
CA TRP H 3 -2.73 2.24 -8.49
C TRP H 3 -2.25 3.00 -7.26
N ASP H 4 -2.09 4.32 -7.43
CA ASP H 4 -1.67 5.19 -6.34
C ASP H 4 -2.81 5.44 -5.38
N GLU H 5 -2.45 5.63 -4.10
CA GLU H 5 -3.42 5.94 -3.06
C GLU H 5 -2.84 7.04 -2.17
N THR H 6 -3.64 8.06 -1.91
CA THR H 6 -3.25 9.15 -1.03
C THR H 6 -4.33 9.34 0.03
N ASN H 7 -3.91 9.47 1.29
CA ASN H 7 -4.82 9.73 2.39
C ASN H 7 -5.08 11.21 2.52
N LEU H 8 -6.35 11.56 2.73
CA LEU H 8 -6.75 12.94 2.91
C LEU H 8 -7.60 13.14 4.15
S SO4 I . -10.17 3.20 8.76
O1 SO4 I . -11.42 3.53 9.44
O2 SO4 I . -10.35 3.34 7.32
O3 SO4 I . -9.81 1.81 9.07
O4 SO4 I . -9.11 4.10 9.21
S SO4 J . -19.27 20.48 -6.70
O1 SO4 J . -20.63 20.76 -6.23
O2 SO4 J . -19.30 19.60 -7.86
O3 SO4 J . -18.51 19.85 -5.63
O4 SO4 J . -18.61 21.73 -7.05
S SO4 K . 1.51 -4.41 -12.48
O1 SO4 K . 1.51 -3.23 -13.35
O2 SO4 K . 0.14 -4.94 -12.41
O3 SO4 K . 2.39 -5.43 -13.05
O4 SO4 K . 1.98 -4.05 -11.14
S SO4 L . -3.27 -12.03 9.15
O1 SO4 L . -4.14 -10.92 8.78
O2 SO4 L . -3.90 -13.30 8.79
O3 SO4 L . -2.00 -11.89 8.45
O4 SO4 L . -3.03 -12.01 10.59
S SO4 M . -1.49 4.29 5.56
O1 SO4 M . -1.78 4.56 4.16
O2 SO4 M . -2.43 3.31 6.08
O3 SO4 M . -0.12 3.76 5.69
O4 SO4 M . -1.59 5.52 6.33
S SO4 N . 18.23 -5.02 19.57
O1 SO4 N . 18.61 -3.71 19.06
O2 SO4 N . 16.87 -5.35 19.16
O3 SO4 N . 19.16 -6.03 19.04
O4 SO4 N . 18.31 -5.02 21.03
S SO4 O . 2.34 0.46 32.41
O1 SO4 O . 1.49 1.49 31.82
O2 SO4 O . 2.67 -0.58 31.42
O3 SO4 O . 1.63 -0.17 33.53
O4 SO4 O . 3.57 1.05 32.92
S SO4 P . 0.80 11.78 -10.58
O1 SO4 P . -0.39 12.60 -10.80
O2 SO4 P . 0.49 10.40 -10.90
O3 SO4 P . 1.89 12.26 -11.43
O4 SO4 P . 1.21 11.86 -9.18
S SO4 Q . 4.57 -3.53 -4.27
O1 SO4 Q . 4.57 -3.03 -5.65
O2 SO4 Q . 3.20 -3.52 -3.76
O3 SO4 Q . 5.06 -4.91 -4.26
O4 SO4 Q . 5.43 -2.72 -3.42
S SO4 R . 23.67 13.44 -0.01
O1 SO4 R . 23.09 14.63 -0.61
O2 SO4 R . 22.60 12.62 0.57
O3 SO4 R . 24.38 12.67 -1.03
O4 SO4 R . 24.61 13.82 1.04
S SO4 S . -3.01 -1.69 -4.40
O1 SO4 S . -3.08 -0.28 -4.78
O2 SO4 S . -3.87 -2.48 -5.27
O3 SO4 S . -1.62 -2.15 -4.53
O4 SO4 S . -3.43 -1.82 -3.01
S SO4 T . -5.24 0.09 0.09
O1 SO4 T . -6.55 -0.12 -0.53
O2 SO4 T . -4.80 -1.19 0.64
O3 SO4 T . -4.28 0.52 -0.92
O4 SO4 T . -5.33 1.05 1.19
#